data_4PVV
#
_entry.id   4PVV
#
_cell.length_a   46.985
_cell.length_b   46.985
_cell.length_c   244.250
_cell.angle_alpha   90.000
_cell.angle_beta   90.000
_cell.angle_gamma   120.000
#
_symmetry.space_group_name_H-M   'P 31 1 2'
#
loop_
_entity.id
_entity.type
_entity.pdbx_description
1 polymer 'Adenosine kinase'
2 non-polymer 5-ethynyl-7-(beta-D-ribofuranosyl)-7H-pyrrolo[2,3-d]pyrimidin-4-amine
3 water water
#
_entity_poly.entity_id   1
_entity_poly.type   'polypeptide(L)'
_entity_poly.pdbx_seq_one_letter_code
;MTIAVTGSIATDHLMRFPGRFSEQLLPEHLHKVSLSFLVDDLVMHRGGVAGNMAFAIGVLGGEVALVGAAGADFADYRDW
LKARGVNCDHVLISETAHTARFTCTTDVDMAQLASFYPGAMSEARNIKLADVVSAIGKPELVIIGANDPEAMFLHTEECR
KLGLAFAADPSQQLARLSGEEIRRLVNGAAYLFTNDYEWDLLLSKTGWSEADVMAQIDLRVTTLGPKGVDLVEPDGTTIH
VGVVPETSQTDPTGVGDAFRAGFLTGRSAGLGLERSAQLGSLVAVLVLESTGTQEWQWDYEAAASRLAGAYGEHAAAEIV
AVLA
;
_entity_poly.pdbx_strand_id   A
#
loop_
_chem_comp.id
_chem_comp.type
_chem_comp.name
_chem_comp.formula
HO4 non-polymer 5-ethynyl-7-(beta-D-ribofuranosyl)-7H-pyrrolo[2,3-d]pyrimidin-4-amine 'C13 H14 N4 O4'
#
# COMPACT_ATOMS: atom_id res chain seq x y z
N MET A 1 0.15 -14.13 -11.58
CA MET A 1 1.41 -14.61 -10.88
C MET A 1 2.27 -13.38 -10.64
N THR A 2 3.08 -12.95 -11.64
CA THR A 2 4.01 -11.77 -11.40
C THR A 2 3.48 -10.31 -11.47
N ILE A 3 3.42 -9.73 -10.28
CA ILE A 3 3.11 -8.32 -10.00
C ILE A 3 4.40 -7.63 -9.61
N ALA A 4 4.63 -6.43 -10.14
CA ALA A 4 5.76 -5.59 -9.79
C ALA A 4 5.24 -4.40 -8.98
N VAL A 5 5.75 -4.29 -7.74
CA VAL A 5 5.33 -3.22 -6.85
C VAL A 5 6.13 -1.91 -7.07
N THR A 6 5.58 -1.05 -7.93
CA THR A 6 6.06 0.37 -8.18
C THR A 6 5.49 1.39 -7.17
N GLY A 7 6.39 2.04 -6.42
CA GLY A 7 6.07 2.78 -5.18
C GLY A 7 7.31 3.25 -4.42
N SER A 8 7.16 3.51 -3.13
CA SER A 8 8.17 4.15 -2.35
C SER A 8 8.93 3.13 -1.46
N ILE A 9 10.22 3.36 -1.23
CA ILE A 9 11.00 2.54 -0.29
C ILE A 9 11.49 3.52 0.76
N ALA A 10 11.22 3.22 2.01
CA ALA A 10 11.63 4.06 3.14
C ALA A 10 12.12 3.25 4.35
N THR A 11 12.82 3.98 5.21
CA THR A 11 12.93 3.55 6.55
C THR A 11 11.91 4.39 7.34
N ASP A 12 11.33 3.90 8.43
CA ASP A 12 10.14 4.52 9.10
C ASP A 12 10.43 4.55 10.55
N HIS A 13 10.54 5.74 11.12
CA HIS A 13 11.03 5.89 12.48
C HIS A 13 9.82 6.33 13.21
N LEU A 14 9.36 5.57 14.20
CA LEU A 14 8.04 5.84 14.81
C LEU A 14 8.09 6.04 16.28
N MET A 15 7.36 7.04 16.78
CA MET A 15 7.34 7.25 18.23
C MET A 15 5.92 7.37 18.74
N ARG A 16 5.82 7.41 20.05
CA ARG A 16 4.60 7.28 20.70
C ARG A 16 4.65 8.30 21.82
N PHE A 17 3.62 9.16 21.86
CA PHE A 17 3.46 10.19 22.88
C PHE A 17 2.37 9.64 23.76
N PRO A 18 2.69 9.23 24.99
CA PRO A 18 1.66 8.61 25.84
C PRO A 18 0.54 9.58 26.35
N GLY A 19 0.76 10.89 26.24
CA GLY A 19 -0.32 11.86 26.45
C GLY A 19 -1.12 12.04 25.17
N ARG A 20 -1.73 13.22 25.01
CA ARG A 20 -2.66 13.55 23.86
C ARG A 20 -2.25 14.85 23.17
N PHE A 21 -2.22 14.82 21.83
CA PHE A 21 -1.73 15.96 21.05
C PHE A 21 -2.59 17.23 21.21
N SER A 22 -3.90 17.06 21.01
CA SER A 22 -4.90 18.10 21.24
C SER A 22 -4.54 19.09 22.40
N GLU A 23 -4.27 18.51 23.57
CA GLU A 23 -3.95 19.22 24.82
C GLU A 23 -2.74 20.16 24.77
N GLN A 24 -1.96 20.09 23.69
CA GLN A 24 -0.91 21.08 23.41
C GLN A 24 -1.40 21.92 22.24
N LEU A 25 -1.99 21.31 21.24
CA LEU A 25 -2.59 22.11 20.12
C LEU A 25 -3.55 23.21 20.62
N LEU A 26 -4.37 22.85 21.63
CA LEU A 26 -5.57 23.61 22.00
C LEU A 26 -5.21 25.06 22.39
N PRO A 27 -4.19 25.23 23.26
CA PRO A 27 -3.73 26.56 23.65
C PRO A 27 -2.69 27.23 22.73
N GLU A 28 -1.92 26.45 21.95
CA GLU A 28 -0.83 26.98 21.07
C GLU A 28 -1.22 28.10 20.05
N HIS A 29 -0.24 28.93 19.66
CA HIS A 29 -0.42 29.98 18.62
C HIS A 29 -0.18 29.45 17.21
N LEU A 30 -1.25 29.06 16.53
CA LEU A 30 -1.17 28.21 15.33
C LEU A 30 -0.68 28.88 14.04
N HIS A 31 -0.01 30.03 14.16
CA HIS A 31 0.65 30.67 13.00
C HIS A 31 2.16 30.72 13.15
N LYS A 32 2.67 30.45 14.36
CA LYS A 32 4.07 30.60 14.75
C LYS A 32 4.33 29.54 15.84
N VAL A 33 4.01 28.32 15.48
CA VAL A 33 3.88 27.17 16.37
C VAL A 33 5.22 26.79 17.01
N SER A 34 5.18 26.26 18.23
CA SER A 34 6.36 25.85 18.95
C SER A 34 5.98 24.58 19.65
N LEU A 35 5.71 23.56 18.84
CA LEU A 35 5.19 22.33 19.38
C LEU A 35 6.30 21.39 19.78
N SER A 36 6.14 20.70 20.91
CA SER A 36 7.10 19.68 21.41
C SER A 36 6.38 18.61 22.25
N PHE A 37 6.65 17.33 21.92
CA PHE A 37 6.09 16.22 22.62
C PHE A 37 7.14 15.33 23.27
N LEU A 38 6.85 14.92 24.49
CA LEU A 38 7.63 13.96 25.21
C LEU A 38 7.17 12.53 24.94
N VAL A 39 7.87 11.89 23.99
CA VAL A 39 7.66 10.47 23.63
C VAL A 39 8.32 9.44 24.64
N ASP A 40 7.70 8.28 24.80
CA ASP A 40 8.23 7.22 25.67
C ASP A 40 8.69 5.96 24.93
N ASP A 41 8.67 5.98 23.61
CA ASP A 41 9.20 4.86 22.83
C ASP A 41 9.61 5.32 21.39
N LEU A 42 10.56 4.62 20.81
CA LEU A 42 11.10 4.93 19.50
C LEU A 42 11.62 3.64 18.83
N VAL A 43 11.07 3.40 17.63
CA VAL A 43 11.39 2.24 16.83
C VAL A 43 11.87 2.73 15.47
N MET A 44 12.76 1.95 14.87
CA MET A 44 13.10 2.08 13.48
C MET A 44 12.68 0.75 12.83
N HIS A 45 12.00 0.87 11.70
CA HIS A 45 11.33 -0.24 10.99
C HIS A 45 11.47 0.00 9.55
N ARG A 46 11.82 -1.03 8.82
CA ARG A 46 11.79 -1.03 7.37
C ARG A 46 10.34 -0.70 6.85
N GLY A 47 10.24 0.18 5.88
CA GLY A 47 8.93 0.80 5.55
C GLY A 47 9.00 1.12 4.09
N GLY A 48 8.20 2.07 3.67
CA GLY A 48 8.01 2.40 2.28
C GLY A 48 6.85 1.63 1.78
N VAL A 49 6.12 2.24 0.81
CA VAL A 49 4.83 1.68 0.40
C VAL A 49 5.02 0.50 -0.52
N ALA A 50 5.97 0.63 -1.41
CA ALA A 50 6.22 -0.38 -2.35
C ALA A 50 6.96 -1.55 -1.59
N GLY A 51 7.81 -1.23 -0.63
CA GLY A 51 8.38 -2.35 0.20
C GLY A 51 7.50 -3.05 1.27
N ASN A 52 6.48 -2.37 1.83
CA ASN A 52 5.57 -3.10 2.76
C ASN A 52 4.81 -4.10 1.93
N MET A 53 4.46 -3.68 0.73
CA MET A 53 3.69 -4.49 -0.23
C MET A 53 4.46 -5.67 -0.80
N ALA A 54 5.64 -5.42 -1.43
CA ALA A 54 6.52 -6.48 -1.89
C ALA A 54 6.65 -7.56 -0.83
N PHE A 55 7.04 -7.19 0.35
CA PHE A 55 7.18 -8.13 1.44
C PHE A 55 5.89 -8.95 1.70
N ALA A 56 4.76 -8.29 1.61
CA ALA A 56 3.44 -8.90 1.80
C ALA A 56 3.27 -9.95 0.72
N ILE A 57 3.31 -9.54 -0.56
CA ILE A 57 3.13 -10.48 -1.68
C ILE A 57 4.04 -11.71 -1.59
N GLY A 58 5.32 -11.45 -1.25
CA GLY A 58 6.38 -12.46 -1.13
C GLY A 58 6.18 -13.44 0.03
N VAL A 59 6.01 -12.91 1.22
CA VAL A 59 5.68 -13.73 2.37
C VAL A 59 4.42 -14.58 2.17
N LEU A 60 3.46 -14.05 1.42
CA LEU A 60 2.23 -14.73 1.08
C LEU A 60 2.45 -15.85 0.08
N GLY A 61 3.59 -15.78 -0.62
CA GLY A 61 4.07 -16.87 -1.48
C GLY A 61 4.18 -16.65 -2.98
N GLY A 62 3.90 -15.43 -3.45
CA GLY A 62 3.72 -15.12 -4.87
C GLY A 62 4.92 -14.42 -5.44
N GLU A 63 4.86 -14.17 -6.75
CA GLU A 63 5.93 -13.47 -7.47
C GLU A 63 5.68 -11.98 -7.53
N VAL A 64 6.75 -11.25 -7.12
CA VAL A 64 6.80 -9.77 -7.01
C VAL A 64 8.20 -9.22 -7.29
N ALA A 65 8.31 -8.26 -8.20
CA ALA A 65 9.59 -7.57 -8.36
C ALA A 65 9.44 -6.19 -7.73
N LEU A 66 10.45 -5.68 -7.03
CA LEU A 66 10.34 -4.31 -6.45
C LEU A 66 10.99 -3.28 -7.38
N VAL A 67 10.14 -2.36 -7.81
CA VAL A 67 10.48 -1.25 -8.59
C VAL A 67 10.28 0.00 -7.69
N GLY A 68 11.34 0.53 -7.14
CA GLY A 68 11.33 1.84 -6.49
C GLY A 68 12.78 2.33 -6.37
N ALA A 69 12.93 3.66 -6.29
CA ALA A 69 14.27 4.28 -6.16
C ALA A 69 14.68 4.31 -4.67
N ALA A 70 15.98 4.45 -4.45
CA ALA A 70 16.62 4.17 -3.11
C ALA A 70 18.03 4.64 -3.05
N GLY A 71 18.55 4.70 -1.84
CA GLY A 71 19.97 4.99 -1.59
C GLY A 71 20.92 3.82 -1.39
N ALA A 72 22.12 4.14 -0.89
CA ALA A 72 23.23 3.19 -0.75
C ALA A 72 23.23 2.52 0.61
N ASP A 73 22.47 3.05 1.53
CA ASP A 73 22.24 2.45 2.82
C ASP A 73 21.37 1.19 2.60
N PHE A 74 20.95 0.98 1.36
CA PHE A 74 19.95 -0.04 1.04
C PHE A 74 20.49 -1.45 0.75
N ALA A 75 21.49 -1.90 1.48
CA ALA A 75 21.96 -3.29 1.22
C ALA A 75 21.29 -4.17 2.27
N ASP A 76 21.27 -3.72 3.52
CA ASP A 76 20.55 -4.45 4.55
C ASP A 76 19.08 -4.69 4.24
N TYR A 77 18.48 -3.71 3.60
CA TYR A 77 17.08 -3.76 3.24
C TYR A 77 16.90 -4.69 2.07
N ARG A 78 17.69 -4.50 1.05
CA ARG A 78 17.62 -5.37 -0.10
C ARG A 78 17.74 -6.83 0.27
N ASP A 79 18.76 -7.19 1.07
CA ASP A 79 19.00 -8.62 1.31
C ASP A 79 17.82 -9.13 2.16
N TRP A 80 17.27 -8.23 2.96
CA TRP A 80 16.07 -8.52 3.73
C TRP A 80 14.92 -8.98 2.86
N LEU A 81 14.61 -8.23 1.82
CA LEU A 81 13.55 -8.58 0.93
C LEU A 81 13.90 -9.80 0.06
N LYS A 82 15.01 -9.74 -0.69
CA LYS A 82 15.46 -10.86 -1.53
C LYS A 82 15.47 -12.22 -0.81
N ALA A 83 15.68 -12.24 0.50
CA ALA A 83 15.68 -13.51 1.31
C ALA A 83 14.34 -14.18 1.40
N ARG A 84 13.27 -13.43 1.71
CA ARG A 84 11.89 -13.84 1.33
C ARG A 84 11.88 -13.52 -0.17
N GLY A 85 10.98 -14.09 -0.98
CA GLY A 85 11.19 -14.09 -2.47
C GLY A 85 11.05 -12.83 -3.31
N VAL A 86 11.41 -11.67 -2.77
CA VAL A 86 11.28 -10.43 -3.55
C VAL A 86 12.44 -10.25 -4.53
N ASN A 87 12.11 -9.86 -5.75
CA ASN A 87 13.12 -9.61 -6.75
C ASN A 87 13.49 -8.14 -6.79
N CYS A 88 14.58 -7.82 -6.10
CA CYS A 88 15.07 -6.44 -5.98
C CYS A 88 16.03 -5.99 -7.05
N ASP A 89 16.16 -6.73 -8.16
CA ASP A 89 17.16 -6.34 -9.17
C ASP A 89 16.85 -4.97 -9.79
N HIS A 90 15.58 -4.56 -9.72
CA HIS A 90 15.10 -3.38 -10.44
C HIS A 90 14.98 -2.13 -9.58
N VAL A 91 15.48 -2.18 -8.36
CA VAL A 91 15.60 -0.99 -7.55
C VAL A 91 16.76 -0.12 -8.03
N LEU A 92 16.53 1.18 -8.04
CA LEU A 92 17.50 2.14 -8.54
C LEU A 92 18.21 2.69 -7.31
N ILE A 93 19.53 2.40 -7.21
CA ILE A 93 20.37 2.88 -6.10
C ILE A 93 20.92 4.28 -6.43
N SER A 94 20.70 5.23 -5.53
CA SER A 94 21.09 6.60 -5.82
C SER A 94 22.59 6.83 -5.69
N GLU A 95 23.07 7.91 -6.33
CA GLU A 95 24.50 8.26 -6.28
C GLU A 95 24.72 9.40 -5.32
N THR A 96 23.64 10.12 -4.97
CA THR A 96 23.71 11.35 -4.22
C THR A 96 22.77 11.47 -3.01
N ALA A 97 21.96 10.46 -2.72
CA ALA A 97 20.85 10.77 -1.85
C ALA A 97 20.38 9.59 -1.05
N HIS A 98 20.03 9.82 0.23
CA HIS A 98 19.77 8.68 1.13
C HIS A 98 18.35 8.14 0.93
N THR A 99 18.15 6.86 1.26
CA THR A 99 16.83 6.29 1.24
C THR A 99 15.90 7.22 2.05
N ALA A 100 14.79 7.59 1.38
CA ALA A 100 13.66 8.28 1.93
C ALA A 100 13.42 7.89 3.37
N ARG A 101 12.87 8.81 4.16
CA ARG A 101 12.56 8.59 5.58
C ARG A 101 11.22 9.15 6.04
N PHE A 102 10.52 8.33 6.79
CA PHE A 102 9.20 8.61 7.25
C PHE A 102 9.24 8.72 8.75
N THR A 103 8.95 9.92 9.25
CA THR A 103 8.94 10.09 10.70
C THR A 103 7.54 10.45 11.17
N CYS A 104 7.09 9.70 12.15
CA CYS A 104 5.71 9.78 12.60
C CYS A 104 5.72 9.71 14.10
N THR A 105 4.87 10.53 14.70
CA THR A 105 4.51 10.43 16.12
C THR A 105 2.99 10.34 16.18
N THR A 106 2.57 9.41 17.04
CA THR A 106 1.22 8.93 17.21
C THR A 106 0.92 9.04 18.72
N ASP A 107 -0.30 9.35 19.11
CA ASP A 107 -0.58 9.54 20.56
C ASP A 107 -1.64 8.58 21.05
N VAL A 108 -2.22 8.83 22.20
CA VAL A 108 -3.12 7.81 22.75
C VAL A 108 -4.38 7.57 21.88
N ASP A 109 -4.75 8.55 21.05
CA ASP A 109 -6.09 8.62 20.46
C ASP A 109 -6.46 7.98 19.12
N MET A 110 -5.71 8.09 18.05
CA MET A 110 -4.32 8.39 18.01
C MET A 110 -4.18 9.21 16.74
N ALA A 111 -4.06 10.51 16.91
CA ALA A 111 -3.83 11.39 15.80
C ALA A 111 -2.39 11.19 15.36
N GLN A 112 -2.16 11.58 14.14
CA GLN A 112 -0.90 11.34 13.50
C GLN A 112 -0.29 12.65 13.32
N LEU A 113 0.99 12.71 13.68
CA LEU A 113 1.85 13.81 13.30
C LEU A 113 3.17 13.37 12.64
N ALA A 114 3.49 13.86 11.42
CA ALA A 114 4.53 13.26 10.54
C ALA A 114 5.33 14.16 9.54
N SER A 115 6.53 13.74 9.17
CA SER A 115 7.34 14.42 8.15
C SER A 115 7.76 13.43 7.11
N PHE A 116 7.98 13.84 5.88
CA PHE A 116 8.47 12.88 4.85
C PHE A 116 9.69 13.42 4.09
N TYR A 117 10.89 12.90 4.40
CA TYR A 117 12.08 13.17 3.53
C TYR A 117 12.21 12.22 2.30
N PRO A 118 11.98 12.72 1.06
CA PRO A 118 11.98 11.82 -0.10
C PRO A 118 13.37 11.21 -0.52
N GLY A 119 14.45 11.92 -0.28
CA GLY A 119 15.73 11.38 -0.59
C GLY A 119 15.73 10.91 -2.05
N ALA A 120 16.21 9.70 -2.26
CA ALA A 120 16.39 9.17 -3.62
C ALA A 120 15.05 8.86 -4.36
N MET A 121 13.95 8.87 -3.58
CA MET A 121 12.61 8.62 -4.14
C MET A 121 12.26 9.47 -5.37
N SER A 122 12.84 10.67 -5.50
CA SER A 122 12.53 11.54 -6.60
C SER A 122 13.15 11.08 -7.92
N GLU A 123 14.12 10.21 -7.83
CA GLU A 123 14.80 9.71 -9.03
C GLU A 123 13.98 8.62 -9.73
N ALA A 124 13.01 8.02 -9.00
CA ALA A 124 12.06 7.06 -9.61
C ALA A 124 11.35 7.56 -10.88
N ARG A 125 11.63 8.79 -11.33
CA ARG A 125 11.19 9.34 -12.61
C ARG A 125 12.13 8.95 -13.74
N ASN A 126 13.30 8.42 -13.36
CA ASN A 126 14.36 8.10 -14.34
C ASN A 126 14.40 6.62 -14.71
N ILE A 127 13.42 5.88 -14.19
CA ILE A 127 13.36 4.45 -14.36
C ILE A 127 12.36 4.24 -15.46
N LYS A 128 12.69 3.33 -16.38
CA LYS A 128 11.78 2.89 -17.40
C LYS A 128 11.38 1.53 -16.95
N LEU A 129 10.08 1.25 -17.05
CA LEU A 129 9.55 -0.08 -16.77
C LEU A 129 9.80 -1.02 -17.95
N ALA A 130 10.18 -0.49 -19.11
CA ALA A 130 10.59 -1.34 -20.24
C ALA A 130 11.70 -2.27 -19.72
N ASP A 131 12.80 -1.66 -19.30
CA ASP A 131 14.01 -2.40 -18.84
C ASP A 131 13.68 -3.46 -17.83
N VAL A 132 12.56 -3.32 -17.15
CA VAL A 132 11.97 -4.41 -16.36
C VAL A 132 11.35 -5.51 -17.26
N VAL A 133 10.46 -5.12 -18.16
CA VAL A 133 9.82 -6.08 -19.02
C VAL A 133 10.92 -6.88 -19.69
N SER A 134 11.98 -6.21 -20.13
CA SER A 134 13.14 -6.90 -20.67
C SER A 134 13.59 -7.98 -19.68
N ALA A 135 13.93 -7.57 -18.45
CA ALA A 135 14.62 -8.48 -17.52
C ALA A 135 13.77 -9.73 -17.17
N ILE A 136 12.49 -9.50 -16.82
CA ILE A 136 11.60 -10.58 -16.40
C ILE A 136 10.35 -10.72 -17.24
N GLY A 137 10.17 -9.85 -18.24
CA GLY A 137 8.99 -9.93 -19.07
C GLY A 137 7.77 -9.27 -18.48
N LYS A 138 6.72 -9.29 -19.28
CA LYS A 138 5.63 -8.37 -19.16
C LYS A 138 4.71 -8.80 -17.98
N PRO A 139 4.82 -8.15 -16.81
CA PRO A 139 4.06 -8.60 -15.62
C PRO A 139 2.54 -8.54 -15.77
N GLU A 140 1.85 -9.33 -14.94
CA GLU A 140 0.40 -9.36 -14.86
C GLU A 140 -0.08 -8.02 -14.37
N LEU A 141 0.64 -7.44 -13.42
CA LEU A 141 0.22 -6.16 -12.85
C LEU A 141 1.42 -5.30 -12.43
N VAL A 142 1.36 -4.04 -12.78
CA VAL A 142 2.20 -2.96 -12.21
C VAL A 142 1.29 -2.20 -11.28
N ILE A 143 1.67 -2.15 -10.02
CA ILE A 143 0.97 -1.38 -9.02
C ILE A 143 1.56 0.01 -8.89
N ILE A 144 0.75 1.08 -9.12
CA ILE A 144 1.28 2.42 -9.00
C ILE A 144 1.18 2.96 -7.58
N GLY A 145 2.13 2.54 -6.76
CA GLY A 145 2.05 2.78 -5.31
C GLY A 145 2.44 4.22 -5.04
N ALA A 146 2.02 4.76 -3.89
CA ALA A 146 2.33 6.13 -3.59
C ALA A 146 3.87 6.30 -3.63
N ASN A 147 4.32 7.32 -4.35
CA ASN A 147 5.74 7.41 -4.79
C ASN A 147 6.06 8.90 -4.99
N ASP A 148 7.18 9.15 -5.68
CA ASP A 148 7.46 10.44 -6.30
C ASP A 148 6.38 10.74 -7.33
N PRO A 149 5.70 11.89 -7.22
CA PRO A 149 4.67 12.34 -8.19
C PRO A 149 4.99 12.06 -9.67
N GLU A 150 6.09 12.60 -10.24
CA GLU A 150 6.33 12.45 -11.71
C GLU A 150 6.57 11.01 -12.15
N ALA A 151 7.20 10.24 -11.25
CA ALA A 151 7.36 8.82 -11.45
C ALA A 151 6.00 8.15 -11.66
N MET A 152 5.11 8.38 -10.67
CA MET A 152 3.75 7.87 -10.59
C MET A 152 2.94 8.06 -11.88
N PHE A 153 3.11 9.20 -12.55
CA PHE A 153 2.48 9.41 -13.84
C PHE A 153 3.20 8.60 -14.86
N LEU A 154 4.54 8.69 -14.84
CA LEU A 154 5.36 8.07 -15.89
C LEU A 154 5.10 6.56 -15.84
N HIS A 155 4.96 6.05 -14.64
CA HIS A 155 4.77 4.62 -14.46
C HIS A 155 3.36 4.23 -14.72
N THR A 156 2.47 5.20 -14.76
CA THR A 156 1.13 4.97 -15.22
C THR A 156 1.07 5.17 -16.71
N GLU A 157 1.70 6.22 -17.21
CA GLU A 157 1.81 6.44 -18.66
C GLU A 157 2.41 5.23 -19.37
N GLU A 158 3.44 4.63 -18.77
CA GLU A 158 4.24 3.59 -19.47
C GLU A 158 3.52 2.24 -19.50
N CYS A 159 2.81 1.92 -18.44
CA CYS A 159 1.88 0.80 -18.45
C CYS A 159 0.86 0.81 -19.66
N ARG A 160 0.19 1.95 -19.82
CA ARG A 160 -0.74 2.19 -20.92
C ARG A 160 -0.07 2.09 -22.30
N LYS A 161 1.16 2.61 -22.43
CA LYS A 161 1.92 2.45 -23.66
C LYS A 161 2.41 1.01 -23.93
N LEU A 162 2.33 0.12 -22.92
CA LEU A 162 2.87 -1.27 -23.05
C LEU A 162 1.82 -2.33 -22.80
N GLY A 163 0.58 -1.91 -22.66
CA GLY A 163 -0.49 -2.84 -22.39
C GLY A 163 -0.15 -3.62 -21.15
N LEU A 164 -0.04 -2.90 -20.06
CA LEU A 164 0.19 -3.54 -18.80
C LEU A 164 -0.96 -3.24 -17.82
N ALA A 165 -1.36 -4.24 -17.05
CA ALA A 165 -2.41 -4.01 -16.08
C ALA A 165 -1.82 -3.19 -14.95
N PHE A 166 -2.45 -2.08 -14.59
CA PHE A 166 -2.07 -1.39 -13.37
C PHE A 166 -3.19 -1.21 -12.32
N ALA A 167 -2.76 -0.90 -11.10
CA ALA A 167 -3.67 -0.73 -9.98
C ALA A 167 -3.40 0.62 -9.29
N ALA A 168 -4.03 1.70 -9.79
CA ALA A 168 -4.06 2.98 -9.07
C ALA A 168 -4.22 2.76 -7.55
N ASP A 169 -3.39 3.43 -6.75
CA ASP A 169 -3.29 3.31 -5.27
C ASP A 169 -2.88 4.68 -4.71
N PRO A 170 -3.52 5.75 -5.14
CA PRO A 170 -2.91 7.08 -5.03
C PRO A 170 -3.04 7.75 -3.63
N SER A 171 -3.62 7.00 -2.68
CA SER A 171 -3.85 7.42 -1.26
C SER A 171 -3.28 8.80 -0.89
N GLN A 172 -1.96 8.88 -1.00
CA GLN A 172 -1.19 9.95 -0.38
C GLN A 172 -1.23 11.23 -1.20
N GLN A 173 -1.28 11.07 -2.51
CA GLN A 173 -1.18 12.20 -3.43
C GLN A 173 -2.50 12.81 -3.86
N LEU A 174 -3.61 12.31 -3.36
CA LEU A 174 -4.92 12.88 -3.65
C LEU A 174 -4.93 14.24 -3.02
N ALA A 175 -4.51 14.24 -1.76
CA ALA A 175 -4.45 15.46 -0.95
C ALA A 175 -3.70 16.52 -1.71
N ARG A 176 -2.57 16.11 -2.28
CA ARG A 176 -1.56 16.99 -2.76
C ARG A 176 -1.69 17.29 -4.21
N LEU A 177 -2.52 16.54 -4.92
CA LEU A 177 -2.69 16.72 -6.40
C LEU A 177 -4.04 17.30 -6.88
N SER A 178 -4.02 17.76 -8.09
CA SER A 178 -5.18 18.36 -8.74
C SER A 178 -6.25 17.33 -9.17
N GLY A 179 -7.26 17.83 -9.89
CA GLY A 179 -8.35 16.99 -10.44
C GLY A 179 -7.84 16.30 -11.70
N GLU A 180 -7.25 17.12 -12.55
CA GLU A 180 -6.54 16.73 -13.77
C GLU A 180 -5.50 15.65 -13.57
N GLU A 181 -4.72 15.75 -12.48
CA GLU A 181 -3.56 14.91 -12.29
C GLU A 181 -4.07 13.63 -11.79
N ILE A 182 -4.86 13.69 -10.75
CA ILE A 182 -5.63 12.58 -10.24
C ILE A 182 -6.35 11.71 -11.28
N ARG A 183 -6.79 12.30 -12.39
CA ARG A 183 -7.61 11.58 -13.38
C ARG A 183 -6.66 10.95 -14.39
N ARG A 184 -5.52 11.58 -14.48
CA ARG A 184 -4.46 11.12 -15.30
C ARG A 184 -3.71 9.97 -14.57
N LEU A 185 -4.15 9.65 -13.35
CA LEU A 185 -3.69 8.43 -12.68
C LEU A 185 -4.78 7.36 -12.64
N VAL A 186 -5.91 7.58 -13.31
CA VAL A 186 -7.06 6.65 -13.15
C VAL A 186 -7.79 6.45 -14.43
N ASN A 187 -7.08 6.07 -15.45
CA ASN A 187 -7.67 5.88 -16.74
C ASN A 187 -7.18 4.53 -17.18
N GLY A 188 -8.10 3.55 -17.22
CA GLY A 188 -7.79 2.20 -17.61
C GLY A 188 -7.26 1.36 -16.46
N ALA A 189 -7.07 1.96 -15.29
CA ALA A 189 -6.82 1.20 -14.10
C ALA A 189 -7.61 -0.12 -14.11
N ALA A 190 -6.85 -1.22 -14.01
CA ALA A 190 -7.46 -2.50 -13.81
C ALA A 190 -7.96 -2.56 -12.39
N TYR A 191 -7.32 -1.79 -11.51
CA TYR A 191 -7.80 -1.66 -10.12
C TYR A 191 -7.74 -0.20 -9.66
N LEU A 192 -8.54 0.16 -8.64
CA LEU A 192 -8.43 1.47 -8.02
C LEU A 192 -8.69 1.28 -6.59
N PHE A 193 -7.69 1.64 -5.78
CA PHE A 193 -7.81 1.53 -4.33
C PHE A 193 -7.94 2.87 -3.62
N THR A 194 -8.72 2.92 -2.54
CA THR A 194 -8.94 4.17 -1.85
C THR A 194 -9.66 3.76 -0.63
N ASN A 195 -9.65 4.61 0.40
CA ASN A 195 -10.71 4.61 1.43
C ASN A 195 -11.82 5.56 0.96
N ASP A 196 -12.94 5.59 1.68
CA ASP A 196 -14.19 6.22 1.15
C ASP A 196 -14.18 7.74 1.34
N TYR A 197 -13.69 8.17 2.50
CA TYR A 197 -13.26 9.53 2.71
C TYR A 197 -12.40 10.05 1.53
N GLU A 198 -11.40 9.31 1.13
CA GLU A 198 -10.57 9.70 -0.02
C GLU A 198 -11.34 9.64 -1.32
N TRP A 199 -12.21 8.67 -1.44
CA TRP A 199 -13.00 8.48 -2.65
C TRP A 199 -14.05 9.54 -2.85
N ASP A 200 -14.59 10.05 -1.75
CA ASP A 200 -15.36 11.28 -1.79
C ASP A 200 -14.42 12.36 -2.27
N LEU A 201 -13.38 12.61 -1.49
CA LEU A 201 -12.42 13.67 -1.86
C LEU A 201 -12.07 13.65 -3.34
N LEU A 202 -11.82 12.44 -3.82
CA LEU A 202 -11.45 12.15 -5.20
C LEU A 202 -12.53 12.64 -6.16
N LEU A 203 -13.77 12.46 -5.74
CA LEU A 203 -14.88 12.73 -6.63
C LEU A 203 -15.03 14.25 -6.76
N SER A 204 -14.89 14.95 -5.64
CA SER A 204 -14.87 16.40 -5.64
C SER A 204 -13.78 16.92 -6.53
N LYS A 205 -12.54 16.55 -6.25
CA LYS A 205 -11.39 17.12 -6.99
C LYS A 205 -11.46 16.79 -8.48
N THR A 206 -11.88 15.58 -8.85
CA THR A 206 -11.82 15.17 -10.28
C THR A 206 -13.04 15.67 -11.05
N GLY A 207 -14.14 15.85 -10.34
CA GLY A 207 -15.35 16.41 -10.93
C GLY A 207 -16.13 15.36 -11.71
N TRP A 208 -15.69 14.11 -11.60
CA TRP A 208 -16.34 13.00 -12.24
C TRP A 208 -17.52 12.52 -11.48
N SER A 209 -18.45 11.86 -12.17
CA SER A 209 -19.50 11.03 -11.49
C SER A 209 -18.88 9.69 -11.07
N GLU A 210 -19.44 9.06 -10.06
CA GLU A 210 -19.06 7.68 -9.76
C GLU A 210 -19.13 6.87 -11.07
N ALA A 211 -20.07 7.21 -11.95
CA ALA A 211 -20.35 6.43 -13.15
C ALA A 211 -19.17 6.38 -14.08
N ASP A 212 -18.80 7.53 -14.64
CA ASP A 212 -17.76 7.57 -15.68
C ASP A 212 -16.39 7.28 -15.11
N VAL A 213 -16.23 7.38 -13.80
CA VAL A 213 -15.06 6.78 -13.20
C VAL A 213 -15.08 5.34 -13.58
N MET A 214 -16.17 4.67 -13.20
CA MET A 214 -16.37 3.24 -13.46
C MET A 214 -16.35 2.85 -14.94
N ALA A 215 -16.53 3.82 -15.82
CA ALA A 215 -16.41 3.52 -17.25
C ALA A 215 -14.98 3.09 -17.45
N GLN A 216 -14.07 3.93 -16.93
CA GLN A 216 -12.63 3.99 -17.27
C GLN A 216 -11.72 3.00 -16.52
N ILE A 217 -12.10 2.64 -15.29
CA ILE A 217 -11.44 1.60 -14.59
C ILE A 217 -12.25 0.32 -14.72
N ASP A 218 -11.71 -0.81 -14.22
CA ASP A 218 -12.39 -2.13 -14.27
C ASP A 218 -12.84 -2.65 -12.90
N LEU A 219 -12.54 -1.93 -11.81
CA LEU A 219 -12.85 -2.39 -10.46
C LEU A 219 -12.43 -1.43 -9.28
N ARG A 220 -13.37 -0.66 -8.75
CA ARG A 220 -13.07 0.21 -7.63
C ARG A 220 -13.07 -0.63 -6.38
N VAL A 221 -12.08 -0.47 -5.50
CA VAL A 221 -12.09 -1.14 -4.16
C VAL A 221 -12.07 0.01 -3.18
N THR A 222 -12.70 -0.14 -2.03
CA THR A 222 -12.87 1.00 -1.11
C THR A 222 -13.08 0.53 0.28
N THR A 223 -12.02 0.66 1.07
CA THR A 223 -11.91 0.14 2.41
C THR A 223 -12.53 1.11 3.44
N LEU A 224 -13.17 0.58 4.47
CA LEU A 224 -14.13 1.33 5.26
C LEU A 224 -13.76 1.25 6.75
N GLY A 225 -12.48 1.03 7.01
CA GLY A 225 -11.97 0.89 8.37
C GLY A 225 -12.66 -0.23 9.11
N PRO A 226 -13.32 0.08 10.24
CA PRO A 226 -13.84 -1.04 11.05
C PRO A 226 -15.02 -1.74 10.43
N LYS A 227 -15.52 -1.20 9.33
CA LYS A 227 -16.59 -1.77 8.56
C LYS A 227 -16.02 -2.85 7.71
N GLY A 228 -15.26 -2.49 6.67
CA GLY A 228 -14.74 -3.50 5.73
C GLY A 228 -14.18 -2.97 4.47
N VAL A 229 -14.61 -3.53 3.34
CA VAL A 229 -14.33 -2.96 2.03
C VAL A 229 -15.45 -3.31 1.04
N ASP A 230 -15.67 -2.43 0.05
CA ASP A 230 -16.64 -2.60 -1.03
C ASP A 230 -15.95 -2.72 -2.44
N LEU A 231 -16.02 -3.91 -3.00
CA LEU A 231 -15.44 -4.20 -4.27
C LEU A 231 -16.63 -4.12 -5.13
N VAL A 232 -16.44 -3.55 -6.33
CA VAL A 232 -17.53 -3.02 -7.12
C VAL A 232 -17.03 -2.85 -8.54
N GLU A 233 -17.79 -3.50 -9.44
CA GLU A 233 -17.42 -3.66 -10.78
C GLU A 233 -18.29 -2.66 -11.42
N PRO A 234 -17.97 -2.30 -12.67
CA PRO A 234 -18.90 -1.51 -13.49
C PRO A 234 -20.33 -2.13 -13.62
N ASP A 235 -20.44 -3.47 -13.56
CA ASP A 235 -21.79 -4.11 -13.59
C ASP A 235 -22.31 -4.26 -12.13
N GLY A 236 -22.05 -3.24 -11.33
CA GLY A 236 -22.75 -3.10 -10.12
C GLY A 236 -22.52 -4.20 -9.14
N THR A 237 -22.04 -5.40 -9.53
CA THR A 237 -21.78 -6.40 -8.49
C THR A 237 -21.07 -5.59 -7.40
N THR A 238 -21.55 -5.71 -6.17
CA THR A 238 -20.98 -4.94 -5.08
C THR A 238 -20.81 -5.83 -3.89
N ILE A 239 -19.82 -6.70 -4.03
CA ILE A 239 -19.52 -7.65 -2.99
C ILE A 239 -18.93 -6.88 -1.80
N HIS A 240 -19.53 -7.06 -0.63
CA HIS A 240 -19.09 -6.46 0.65
C HIS A 240 -18.42 -7.50 1.54
N VAL A 241 -17.42 -7.08 2.32
CA VAL A 241 -16.57 -8.02 3.09
C VAL A 241 -16.16 -7.31 4.35
N GLY A 242 -16.45 -7.89 5.49
CA GLY A 242 -16.12 -7.28 6.78
C GLY A 242 -14.69 -7.62 7.14
N VAL A 243 -14.28 -7.32 8.39
CA VAL A 243 -12.91 -7.39 8.75
C VAL A 243 -12.73 -8.59 9.64
N VAL A 244 -11.49 -9.09 9.74
CA VAL A 244 -11.15 -9.98 10.87
C VAL A 244 -11.14 -9.04 12.06
N PRO A 245 -11.52 -9.55 13.26
CA PRO A 245 -11.81 -8.53 14.24
C PRO A 245 -10.54 -8.14 14.97
N GLU A 246 -10.16 -6.87 14.83
CA GLU A 246 -9.09 -6.28 15.62
C GLU A 246 -9.47 -6.32 17.11
N THR A 247 -8.45 -6.41 17.97
CA THR A 247 -8.63 -6.36 19.41
C THR A 247 -7.41 -6.87 20.17
N ASP A 251 -0.63 -0.43 16.66
CA ASP A 251 -0.23 -0.19 15.26
C ASP A 251 -1.20 0.83 14.59
N PRO A 252 -0.73 1.50 13.53
CA PRO A 252 -1.63 1.97 12.47
C PRO A 252 -1.00 1.76 11.06
N THR A 253 0.07 2.53 10.79
CA THR A 253 0.86 2.48 9.55
C THR A 253 0.98 1.09 9.00
N GLY A 254 0.88 1.02 7.68
CA GLY A 254 1.13 -0.25 6.94
C GLY A 254 -0.11 -0.99 6.53
N VAL A 255 -1.05 -1.07 7.46
CA VAL A 255 -2.28 -1.76 7.30
C VAL A 255 -2.87 -1.62 5.91
N GLY A 256 -3.04 -0.39 5.45
CA GLY A 256 -3.65 -0.12 4.12
C GLY A 256 -2.99 -0.86 3.00
N ASP A 257 -1.63 -0.76 2.94
CA ASP A 257 -0.80 -1.47 1.96
C ASP A 257 -0.86 -3.02 2.16
N ALA A 258 -1.15 -3.40 3.40
CA ALA A 258 -1.20 -4.80 3.78
C ALA A 258 -2.53 -5.44 3.32
N PHE A 259 -3.63 -4.72 3.41
CA PHE A 259 -4.82 -5.20 2.74
C PHE A 259 -4.56 -5.42 1.22
N ARG A 260 -3.96 -4.43 0.60
CA ARG A 260 -3.82 -4.39 -0.83
C ARG A 260 -2.80 -5.47 -1.29
N ALA A 261 -2.11 -6.07 -0.34
CA ALA A 261 -1.08 -7.05 -0.65
C ALA A 261 -1.68 -8.44 -0.69
N GLY A 262 -2.33 -8.78 0.40
CA GLY A 262 -3.11 -10.00 0.48
C GLY A 262 -4.24 -10.03 -0.54
N PHE A 263 -4.93 -8.92 -0.74
CA PHE A 263 -5.92 -8.92 -1.76
C PHE A 263 -5.30 -9.25 -3.10
N LEU A 264 -4.25 -8.53 -3.49
CA LEU A 264 -3.76 -8.73 -4.84
C LEU A 264 -2.95 -10.04 -4.98
N THR A 265 -2.41 -10.58 -3.89
CA THR A 265 -1.74 -11.87 -4.02
C THR A 265 -2.79 -12.96 -4.07
N GLY A 266 -3.90 -12.69 -3.39
CA GLY A 266 -4.99 -13.66 -3.30
C GLY A 266 -5.73 -13.65 -4.60
N ARG A 267 -5.86 -12.46 -5.15
CA ARG A 267 -6.25 -12.35 -6.52
C ARG A 267 -5.25 -13.11 -7.36
N SER A 268 -3.98 -12.68 -7.40
CA SER A 268 -3.04 -13.19 -8.38
C SER A 268 -2.55 -14.61 -8.08
N ALA A 269 -3.35 -15.34 -7.29
CA ALA A 269 -3.32 -16.79 -7.24
C ALA A 269 -4.67 -17.41 -7.65
N GLY A 270 -5.41 -16.72 -8.51
CA GLY A 270 -6.73 -17.17 -9.00
C GLY A 270 -7.96 -17.08 -8.09
N LEU A 271 -7.87 -16.44 -6.94
CA LEU A 271 -9.01 -16.44 -6.03
C LEU A 271 -10.01 -15.38 -6.49
N GLY A 272 -11.25 -15.49 -6.02
CA GLY A 272 -12.35 -14.64 -6.41
C GLY A 272 -12.24 -13.31 -5.68
N LEU A 273 -13.06 -12.36 -6.10
CA LEU A 273 -12.95 -11.04 -5.57
C LEU A 273 -13.11 -11.12 -4.09
N GLU A 274 -14.15 -11.85 -3.65
CA GLU A 274 -14.47 -11.98 -2.24
C GLU A 274 -13.40 -12.71 -1.42
N ARG A 275 -12.98 -13.87 -1.88
CA ARG A 275 -12.00 -14.65 -1.16
C ARG A 275 -10.69 -13.86 -1.01
N SER A 276 -10.31 -13.21 -2.11
CA SER A 276 -9.10 -12.41 -2.18
C SER A 276 -9.26 -11.19 -1.29
N ALA A 277 -10.46 -10.68 -1.16
CA ALA A 277 -10.78 -9.61 -0.16
C ALA A 277 -10.75 -10.08 1.30
N GLN A 278 -11.34 -11.25 1.57
CA GLN A 278 -11.13 -11.96 2.85
C GLN A 278 -9.63 -12.19 3.23
N LEU A 279 -8.79 -12.44 2.22
CA LEU A 279 -7.35 -12.63 2.43
C LEU A 279 -6.67 -11.27 2.72
N GLY A 280 -7.11 -10.19 2.07
CA GLY A 280 -6.62 -8.83 2.39
C GLY A 280 -6.81 -8.56 3.88
N SER A 281 -8.04 -8.77 4.32
CA SER A 281 -8.46 -8.55 5.73
C SER A 281 -7.66 -9.31 6.77
N LEU A 282 -7.12 -10.46 6.36
CA LEU A 282 -6.29 -11.25 7.22
C LEU A 282 -4.91 -10.61 7.35
N VAL A 283 -4.35 -10.14 6.26
CA VAL A 283 -2.97 -9.63 6.31
C VAL A 283 -2.99 -8.20 6.91
N ALA A 284 -3.93 -7.34 6.49
CA ALA A 284 -4.14 -6.07 7.28
C ALA A 284 -4.02 -6.36 8.80
N VAL A 285 -4.83 -7.26 9.32
CA VAL A 285 -4.85 -7.49 10.77
C VAL A 285 -3.60 -8.19 11.24
N LEU A 286 -2.83 -8.88 10.36
CA LEU A 286 -1.58 -9.52 10.87
C LEU A 286 -0.58 -8.42 11.21
N VAL A 287 -0.55 -7.39 10.38
CA VAL A 287 0.22 -6.18 10.67
C VAL A 287 -0.22 -5.56 12.06
N LEU A 288 -1.44 -5.02 12.09
CA LEU A 288 -2.07 -4.39 13.21
C LEU A 288 -1.85 -5.12 14.51
N GLU A 289 -1.38 -6.36 14.43
CA GLU A 289 -0.99 -7.13 15.60
C GLU A 289 0.49 -7.43 15.63
N SER A 290 1.30 -6.71 14.89
CA SER A 290 2.73 -7.06 14.81
C SER A 290 3.59 -5.84 15.10
N THR A 291 4.34 -5.93 16.21
CA THR A 291 5.43 -4.99 16.64
C THR A 291 5.57 -3.83 15.67
N GLY A 292 6.01 -4.13 14.45
CA GLY A 292 5.92 -3.19 13.35
C GLY A 292 5.56 -3.90 12.05
N THR A 293 5.49 -3.09 11.02
CA THR A 293 4.78 -3.40 9.77
C THR A 293 5.10 -4.79 9.22
N GLN A 294 6.38 -5.22 9.37
CA GLN A 294 6.99 -6.21 8.47
C GLN A 294 7.94 -7.16 9.22
N GLU A 295 7.58 -7.27 10.50
CA GLU A 295 8.09 -8.24 11.40
C GLU A 295 6.89 -9.11 11.83
N TRP A 296 6.08 -9.53 10.82
CA TRP A 296 4.97 -10.45 11.03
C TRP A 296 5.24 -11.72 10.33
N GLN A 297 4.55 -12.77 10.78
CA GLN A 297 4.82 -14.12 10.37
C GLN A 297 3.60 -14.62 9.67
N TRP A 298 3.84 -15.13 8.46
CA TRP A 298 2.91 -16.00 7.75
C TRP A 298 2.85 -17.42 8.28
N ASP A 299 1.67 -17.96 8.55
CA ASP A 299 1.49 -19.31 9.13
C ASP A 299 0.24 -19.90 8.48
N TYR A 300 0.39 -21.03 7.78
CA TYR A 300 -0.79 -21.75 7.26
C TYR A 300 -1.78 -22.14 8.35
N GLU A 301 -1.29 -22.74 9.43
CA GLU A 301 -2.18 -23.14 10.53
C GLU A 301 -2.95 -21.96 11.07
N ALA A 302 -2.21 -20.90 11.48
CA ALA A 302 -2.82 -19.75 12.18
C ALA A 302 -3.93 -19.23 11.32
N ALA A 303 -3.58 -18.91 10.07
CA ALA A 303 -4.53 -18.24 9.17
C ALA A 303 -5.79 -19.05 9.19
N ALA A 304 -5.75 -20.27 8.66
CA ALA A 304 -6.86 -21.27 8.73
C ALA A 304 -7.80 -21.01 9.90
N SER A 305 -7.28 -21.18 11.09
CA SER A 305 -8.08 -21.41 12.28
C SER A 305 -8.56 -20.04 12.79
N ARG A 306 -8.74 -19.13 11.82
CA ARG A 306 -8.88 -17.73 12.11
C ARG A 306 -9.59 -17.05 10.98
N LEU A 307 -9.22 -17.38 9.74
CA LEU A 307 -10.08 -17.07 8.55
C LEU A 307 -11.51 -17.62 8.70
N ALA A 308 -11.62 -18.59 9.59
CA ALA A 308 -12.79 -19.42 9.76
C ALA A 308 -13.65 -18.78 10.82
N GLY A 309 -13.03 -18.22 11.85
CA GLY A 309 -13.80 -17.44 12.83
C GLY A 309 -14.61 -16.26 12.23
N ALA A 310 -13.99 -15.47 11.37
CA ALA A 310 -14.64 -14.29 10.76
C ALA A 310 -15.52 -14.61 9.54
N TYR A 311 -15.07 -15.55 8.71
CA TYR A 311 -15.85 -15.96 7.55
C TYR A 311 -16.18 -17.42 7.84
N GLY A 312 -16.59 -18.18 6.86
CA GLY A 312 -16.91 -19.59 7.18
C GLY A 312 -15.73 -20.52 7.02
N GLU A 313 -15.91 -21.78 7.41
CA GLU A 313 -14.91 -22.87 7.15
C GLU A 313 -14.84 -23.24 5.69
N HIS A 314 -15.91 -22.91 4.99
CA HIS A 314 -15.91 -22.93 3.55
C HIS A 314 -14.88 -21.92 3.04
N ALA A 315 -15.13 -20.65 3.38
CA ALA A 315 -14.25 -19.51 3.19
C ALA A 315 -12.75 -19.81 3.33
N ALA A 316 -12.38 -20.27 4.51
CA ALA A 316 -10.99 -20.48 4.86
C ALA A 316 -10.28 -21.41 3.89
N ALA A 317 -10.71 -22.69 3.88
CA ALA A 317 -10.00 -23.78 3.15
C ALA A 317 -9.44 -23.40 1.79
N GLU A 318 -10.23 -22.61 1.06
CA GLU A 318 -9.93 -22.29 -0.32
C GLU A 318 -8.70 -21.39 -0.47
N ILE A 319 -8.63 -20.38 0.40
CA ILE A 319 -7.56 -19.37 0.37
C ILE A 319 -6.28 -20.13 0.73
N VAL A 320 -6.31 -20.77 1.89
CA VAL A 320 -5.20 -21.66 2.30
C VAL A 320 -4.80 -22.77 1.27
N ALA A 321 -5.78 -23.30 0.51
CA ALA A 321 -5.50 -24.20 -0.64
C ALA A 321 -4.68 -23.51 -1.66
N VAL A 322 -5.12 -22.31 -2.04
CA VAL A 322 -4.45 -21.60 -3.13
C VAL A 322 -3.11 -21.04 -2.69
N LEU A 323 -2.96 -20.71 -1.40
CA LEU A 323 -1.66 -20.27 -0.86
C LEU A 323 -0.82 -21.48 -0.52
N ALA A 324 -1.45 -22.67 -0.49
CA ALA A 324 -0.74 -23.96 -0.45
C ALA A 324 -0.13 -24.39 -1.82
C11 HO4 B . 4.15 11.49 4.05
C10 HO4 B . 3.91 10.01 3.95
C7 HO4 B . 4.63 8.95 3.36
C8 HO4 B . 4.69 7.82 4.02
C5 HO4 B . 4.91 8.72 2.06
C6 HO4 B . 5.00 9.50 0.97
N6 HO4 B . 4.79 10.76 1.11
N1 HO4 B . 5.33 9.03 -0.20
C2 HO4 B . 5.56 7.66 -0.34
N3 HO4 B . 5.48 6.83 0.78
C4 HO4 B . 5.14 7.39 1.95
N9 HO4 B . 4.99 6.85 3.16
C1' HO4 B . 5.16 5.46 3.46
O4' HO4 B . 3.86 4.91 3.76
C4' HO4 B . 4.13 3.69 4.37
C5' HO4 B . 2.84 3.22 5.04
O5' HO4 B . 1.80 3.18 4.03
C3' HO4 B . 5.21 4.04 5.40
O3' HO4 B . 6.10 2.98 5.59
C2' HO4 B . 5.92 5.25 4.77
O2' HO4 B . 7.31 5.05 4.60
#